data_1GPL
#
_entry.id   1GPL
#
_cell.length_a   62.000
_cell.length_b   55.900
_cell.length_c   144.000
_cell.angle_alpha   90.00
_cell.angle_beta   93.20
_cell.angle_gamma   90.00
#
_symmetry.space_group_name_H-M   'C 1 2 1'
#
loop_
_entity.id
_entity.type
_entity.pdbx_description
1 polymer 'RP2 LIPASE'
2 non-polymer 'CALCIUM ION'
3 water water
#
_entity_poly.entity_id   1
_entity_poly.type   'polypeptide(L)'
_entity_poly.pdbx_seq_one_letter_code
;AEVCYSHLGCFSDEKPWAGTSQRPIKSLPSDPKKINTRFLLYTNENQNSYQLITATDIATIKASNFNLNRKTRFIIHGFT
DSGENSWLSDMCKNMFQVEKVNCICVDWKGGSKAQYSQASQNIRVVGAEVAYLVQVLSTSLNYAPENVHIIGHSLGAHTA
GEAGKRLNGLVGRITGLDPAEPYFQDTPEEVRLDPSDAKFVDVIHTDISPILPSLGFGMSQKVGHMDFFPNGGKDMPGCK
TGISCNHHRSIEYYHSSILNPEGFLGYPCASYDEFQESGCFPCPAKGCPKMGHFADQYPGKTNAVEQTFFLNTGASDNFT
RWRYKVSVTLSGKKVTGHILVSLFGNKGNSKQYEIFKGTLKPDSTHSNEFDSDVDVGDLQMVKFIWYNNVINPTLPRVGA
SKIIVETNVGKQFNFCSPETVREEVLLTLTPC
;
_entity_poly.pdbx_strand_id   A
#
# COMPACT_ATOMS: atom_id res chain seq x y z
N ALA A 1 -16.71 -22.56 26.21
CA ALA A 1 -15.47 -22.83 26.99
C ALA A 1 -14.57 -21.61 26.98
N GLU A 2 -13.89 -21.38 28.10
CA GLU A 2 -12.97 -20.27 28.27
C GLU A 2 -11.65 -20.76 28.83
N VAL A 3 -10.60 -19.98 28.56
CA VAL A 3 -9.27 -20.22 29.08
C VAL A 3 -8.87 -18.84 29.49
N CYS A 4 -8.07 -18.73 30.54
CA CYS A 4 -7.66 -17.43 30.99
C CYS A 4 -6.20 -17.53 31.23
N TYR A 5 -5.48 -16.49 30.81
CA TYR A 5 -4.04 -16.45 30.92
C TYR A 5 -3.66 -15.18 31.65
N SER A 6 -3.22 -15.33 32.88
CA SER A 6 -2.80 -14.24 33.73
C SER A 6 -3.40 -12.87 33.36
N HIS A 7 -2.52 -11.90 33.06
CA HIS A 7 -2.94 -10.53 32.74
C HIS A 7 -3.48 -10.28 31.30
N LEU A 8 -3.73 -11.34 30.56
CA LEU A 8 -4.28 -11.20 29.22
C LEU A 8 -5.78 -11.42 29.35
N GLY A 9 -6.22 -11.86 30.52
CA GLY A 9 -7.65 -12.10 30.74
C GLY A 9 -8.15 -13.40 30.14
N CYS A 10 -9.45 -13.49 29.92
CA CYS A 10 -9.99 -14.72 29.39
C CYS A 10 -10.39 -14.65 27.89
N PHE A 11 -10.51 -15.84 27.28
CA PHE A 11 -10.87 -16.00 25.88
C PHE A 11 -11.86 -17.15 25.74
N SER A 12 -12.94 -16.91 24.99
CA SER A 12 -14.00 -17.89 24.75
C SER A 12 -14.01 -18.47 23.32
N ASP A 13 -14.65 -19.62 23.13
CA ASP A 13 -14.78 -20.19 21.80
C ASP A 13 -16.22 -20.06 21.37
N GLU A 14 -16.93 -19.15 22.04
CA GLU A 14 -18.31 -18.91 21.73
C GLU A 14 -18.35 -17.87 20.61
N LYS A 15 -19.48 -17.73 19.95
CA LYS A 15 -19.60 -16.76 18.89
C LYS A 15 -19.37 -15.32 19.39
N PRO A 16 -18.85 -14.44 18.50
CA PRO A 16 -18.50 -14.67 17.10
C PRO A 16 -17.11 -15.27 16.86
N TRP A 17 -16.48 -15.77 17.90
CA TRP A 17 -15.14 -16.32 17.83
C TRP A 17 -14.96 -17.67 17.22
N ALA A 18 -16.04 -18.42 17.13
CA ALA A 18 -15.99 -19.75 16.56
C ALA A 18 -17.41 -20.25 16.49
N GLY A 19 -17.58 -21.37 15.80
CA GLY A 19 -18.90 -21.96 15.64
C GLY A 19 -19.84 -21.16 14.74
N THR A 20 -19.31 -20.27 13.91
CA THR A 20 -20.16 -19.47 13.02
C THR A 20 -19.83 -19.87 11.58
N SER A 21 -20.52 -19.28 10.62
CA SER A 21 -20.24 -19.58 9.20
C SER A 21 -18.88 -18.98 8.81
N GLN A 22 -18.52 -17.86 9.43
CA GLN A 22 -17.24 -17.20 9.15
C GLN A 22 -16.07 -17.90 9.84
N ARG A 23 -16.29 -18.34 11.08
CA ARG A 23 -15.27 -19.01 11.89
C ARG A 23 -15.93 -20.28 12.45
N PRO A 24 -16.12 -21.29 11.59
CA PRO A 24 -16.76 -22.56 11.93
C PRO A 24 -16.08 -23.48 12.97
N ILE A 25 -14.77 -23.67 12.84
CA ILE A 25 -14.04 -24.55 13.75
C ILE A 25 -13.87 -23.98 15.15
N LYS A 26 -14.47 -24.68 16.10
CA LYS A 26 -14.42 -24.30 17.50
C LYS A 26 -13.07 -24.67 18.05
N SER A 27 -12.35 -23.65 18.53
CA SER A 27 -11.05 -23.84 19.12
C SER A 27 -10.75 -22.63 20.00
N LEU A 28 -9.76 -22.78 20.88
CA LEU A 28 -9.39 -21.73 21.80
C LEU A 28 -7.94 -21.34 21.54
N PRO A 29 -7.56 -20.10 21.88
CA PRO A 29 -6.16 -19.71 21.65
C PRO A 29 -5.19 -20.50 22.50
N SER A 30 -4.07 -20.91 21.90
CA SER A 30 -3.09 -21.66 22.63
C SER A 30 -2.49 -20.84 23.76
N ASP A 31 -1.73 -21.55 24.57
CA ASP A 31 -1.06 -20.98 25.72
C ASP A 31 0.00 -19.95 25.28
N PRO A 32 0.06 -18.78 25.95
CA PRO A 32 1.01 -17.71 25.67
C PRO A 32 2.46 -18.22 25.58
N LYS A 33 2.76 -19.26 26.37
CA LYS A 33 4.09 -19.88 26.40
C LYS A 33 4.41 -20.76 25.18
N LYS A 34 3.38 -21.35 24.58
CA LYS A 34 3.56 -22.16 23.39
C LYS A 34 3.66 -21.16 22.19
N ILE A 35 2.90 -20.06 22.23
CA ILE A 35 2.93 -19.02 21.19
C ILE A 35 4.26 -18.24 21.29
N ASN A 36 4.69 -17.99 22.51
CA ASN A 36 5.95 -17.29 22.79
C ASN A 36 6.17 -16.00 21.98
N THR A 37 5.25 -15.05 22.14
CA THR A 37 5.34 -13.78 21.46
C THR A 37 6.60 -13.07 21.94
N ARG A 38 7.51 -12.75 21.03
CA ARG A 38 8.73 -12.03 21.39
C ARG A 38 8.82 -10.65 20.70
N PHE A 39 9.48 -9.71 21.38
CA PHE A 39 9.64 -8.34 20.91
C PHE A 39 11.09 -7.99 20.56
N LEU A 40 11.37 -7.93 19.26
CA LEU A 40 12.73 -7.66 18.76
C LEU A 40 12.91 -6.20 18.45
N LEU A 41 13.68 -5.50 19.28
CA LEU A 41 13.88 -4.07 19.08
C LEU A 41 15.09 -3.68 18.22
N TYR A 42 14.83 -2.76 17.29
CA TYR A 42 15.84 -2.17 16.41
C TYR A 42 15.66 -0.66 16.58
N THR A 43 16.78 0.05 16.67
CA THR A 43 16.76 1.51 16.78
C THR A 43 17.84 2.02 15.82
N ASN A 44 17.89 3.33 15.62
CA ASN A 44 18.90 3.91 14.76
C ASN A 44 20.29 3.57 15.30
N GLU A 45 20.37 3.32 16.62
CA GLU A 45 21.64 2.98 17.28
C GLU A 45 22.00 1.51 17.28
N ASN A 46 21.06 0.63 16.95
CA ASN A 46 21.34 -0.81 16.82
C ASN A 46 20.45 -1.27 15.69
N GLN A 47 20.96 -1.11 14.48
CA GLN A 47 20.22 -1.43 13.27
C GLN A 47 20.44 -2.82 12.77
N ASN A 48 21.55 -3.42 13.14
CA ASN A 48 21.87 -4.74 12.60
C ASN A 48 21.45 -5.94 13.44
N SER A 49 21.52 -5.81 14.74
CA SER A 49 21.11 -6.88 15.64
C SER A 49 20.06 -6.32 16.63
N TYR A 50 19.02 -7.10 16.89
CA TYR A 50 17.96 -6.65 17.79
C TYR A 50 18.28 -6.79 19.28
N GLN A 51 17.47 -6.10 20.07
CA GLN A 51 17.56 -6.13 21.53
C GLN A 51 16.21 -6.70 21.95
N LEU A 52 16.24 -7.75 22.77
CA LEU A 52 15.01 -8.39 23.26
C LEU A 52 14.40 -7.58 24.40
N ILE A 53 13.10 -7.30 24.32
CA ILE A 53 12.44 -6.58 25.40
C ILE A 53 11.22 -7.37 25.79
N THR A 54 10.85 -7.32 27.06
CA THR A 54 9.66 -8.02 27.56
C THR A 54 8.91 -7.03 28.43
N ALA A 55 7.58 -7.17 28.44
CA ALA A 55 6.72 -6.29 29.21
C ALA A 55 6.76 -6.58 30.71
N THR A 56 7.01 -7.85 31.06
CA THR A 56 7.07 -8.29 32.45
C THR A 56 8.34 -7.96 33.22
N ASP A 57 9.24 -7.20 32.60
CA ASP A 57 10.52 -6.85 33.22
C ASP A 57 10.94 -5.53 32.58
N ILE A 58 10.45 -4.43 33.14
CA ILE A 58 10.74 -3.10 32.62
C ILE A 58 12.26 -2.82 32.50
N ALA A 59 13.06 -3.56 33.25
CA ALA A 59 14.51 -3.39 33.21
C ALA A 59 15.05 -3.64 31.81
N THR A 60 14.45 -4.60 31.10
CA THR A 60 14.87 -4.90 29.73
C THR A 60 14.62 -3.68 28.86
N ILE A 61 13.44 -3.05 29.01
CA ILE A 61 13.10 -1.88 28.20
C ILE A 61 13.98 -0.66 28.50
N LYS A 62 14.44 -0.54 29.73
CA LYS A 62 15.27 0.60 30.13
C LYS A 62 16.74 0.45 29.79
N ALA A 63 17.23 -0.78 29.77
CA ALA A 63 18.63 -1.08 29.44
C ALA A 63 18.85 -1.13 27.92
N SER A 64 17.76 -1.07 27.17
CA SER A 64 17.81 -1.12 25.71
C SER A 64 17.92 0.29 25.14
N ASN A 65 18.04 0.36 23.82
CA ASN A 65 18.13 1.62 23.12
C ASN A 65 16.76 2.25 22.92
N PHE A 66 15.71 1.67 23.49
CA PHE A 66 14.37 2.24 23.33
C PHE A 66 14.48 3.70 23.71
N ASN A 67 13.93 4.58 22.88
CA ASN A 67 14.06 6.01 23.11
C ASN A 67 12.68 6.59 23.28
N LEU A 68 12.43 7.21 24.43
CA LEU A 68 11.11 7.80 24.73
C LEU A 68 10.78 9.06 23.96
N ASN A 69 11.75 9.65 23.24
CA ASN A 69 11.48 10.87 22.45
C ASN A 69 11.24 10.57 20.96
N ARG A 70 11.30 9.29 20.61
CA ARG A 70 11.08 8.86 19.24
C ARG A 70 9.79 8.05 19.17
N LYS A 71 9.17 8.07 18.00
CA LYS A 71 7.94 7.38 17.77
C LYS A 71 8.32 5.90 17.73
N THR A 72 7.34 5.02 17.93
CA THR A 72 7.53 3.56 17.97
C THR A 72 6.64 2.88 16.94
N ARG A 73 7.23 2.01 16.12
CA ARG A 73 6.48 1.30 15.09
C ARG A 73 6.70 -0.20 15.28
N PHE A 74 5.61 -0.94 15.42
CA PHE A 74 5.66 -2.39 15.57
C PHE A 74 5.38 -3.00 14.21
N ILE A 75 6.02 -4.12 13.92
CA ILE A 75 5.80 -4.85 12.68
C ILE A 75 5.45 -6.30 13.07
N ILE A 76 4.24 -6.70 12.70
CA ILE A 76 3.72 -8.03 13.01
C ILE A 76 3.48 -8.85 11.76
N HIS A 77 4.15 -9.99 11.66
CA HIS A 77 4.01 -10.89 10.51
C HIS A 77 2.70 -11.63 10.65
N GLY A 78 2.39 -12.45 9.66
CA GLY A 78 1.14 -13.16 9.68
C GLY A 78 1.33 -14.66 9.63
N PHE A 79 0.35 -15.31 9.02
CA PHE A 79 0.28 -16.76 8.91
C PHE A 79 1.53 -17.41 8.29
N THR A 80 1.98 -18.49 8.91
CA THR A 80 3.17 -19.29 8.54
C THR A 80 4.50 -18.54 8.58
N ASP A 81 4.47 -17.25 8.91
CA ASP A 81 5.67 -16.40 8.93
C ASP A 81 6.39 -16.34 10.32
N SER A 82 7.48 -15.58 10.43
CA SER A 82 8.27 -15.46 11.65
C SER A 82 8.74 -14.00 11.84
N GLY A 83 8.81 -13.52 13.08
CA GLY A 83 9.23 -12.16 13.32
C GLY A 83 10.69 -11.96 13.03
N GLU A 84 11.39 -13.04 12.72
CA GLU A 84 12.81 -12.97 12.40
C GLU A 84 13.08 -13.02 10.89
N ASN A 85 12.01 -13.02 10.09
CA ASN A 85 12.11 -13.02 8.62
C ASN A 85 12.65 -11.63 8.21
N SER A 86 13.61 -11.63 7.28
CA SER A 86 14.28 -10.42 6.79
C SER A 86 13.35 -9.27 6.40
N TRP A 87 12.17 -9.55 5.86
CA TRP A 87 11.32 -8.43 5.49
C TRP A 87 11.02 -7.50 6.65
N LEU A 88 10.98 -8.02 7.89
CA LEU A 88 10.67 -7.19 9.06
C LEU A 88 11.81 -6.24 9.39
N SER A 89 13.00 -6.79 9.63
CA SER A 89 14.17 -5.97 9.96
C SER A 89 14.54 -5.03 8.79
N ASP A 90 14.32 -5.50 7.56
CA ASP A 90 14.61 -4.69 6.39
C ASP A 90 13.68 -3.47 6.36
N MET A 91 12.43 -3.65 6.73
CA MET A 91 11.53 -2.51 6.72
C MET A 91 12.02 -1.52 7.78
N CYS A 92 12.52 -2.03 8.89
CA CYS A 92 13.05 -1.16 9.94
C CYS A 92 14.23 -0.38 9.38
N LYS A 93 15.10 -1.09 8.68
CA LYS A 93 16.28 -0.47 8.07
C LYS A 93 15.93 0.69 7.10
N ASN A 94 14.88 0.56 6.27
CA ASN A 94 14.45 1.66 5.39
C ASN A 94 14.01 2.84 6.25
N MET A 95 13.27 2.55 7.32
CA MET A 95 12.76 3.58 8.24
C MET A 95 13.89 4.41 8.79
N PHE A 96 14.94 3.74 9.25
CA PHE A 96 16.12 4.38 9.84
C PHE A 96 16.80 5.35 8.86
N GLN A 97 16.57 5.13 7.57
CA GLN A 97 17.12 5.99 6.53
C GLN A 97 16.39 7.32 6.52
N VAL A 98 15.08 7.30 6.81
CA VAL A 98 14.29 8.52 6.79
C VAL A 98 13.80 9.10 8.12
N GLU A 99 14.03 8.43 9.26
CA GLU A 99 13.56 8.93 10.57
C GLU A 99 14.20 8.24 11.74
N LYS A 100 14.04 8.83 12.92
CA LYS A 100 14.52 8.27 14.19
C LYS A 100 13.31 7.53 14.76
N VAL A 101 13.40 6.23 14.95
CA VAL A 101 12.26 5.45 15.45
C VAL A 101 12.67 4.21 16.26
N ASN A 102 11.78 3.73 17.11
CA ASN A 102 12.04 2.50 17.87
C ASN A 102 11.27 1.57 16.96
N CYS A 103 11.94 0.61 16.36
CA CYS A 103 11.25 -0.29 15.44
C CYS A 103 11.18 -1.66 16.09
N ILE A 104 9.97 -2.11 16.42
CA ILE A 104 9.79 -3.41 17.08
C ILE A 104 9.18 -4.49 16.18
N CYS A 105 9.90 -5.59 16.03
CA CYS A 105 9.44 -6.74 15.24
C CYS A 105 8.82 -7.75 16.21
N VAL A 106 7.56 -8.08 15.98
CA VAL A 106 6.88 -9.01 16.84
C VAL A 106 6.96 -10.40 16.30
N ASP A 107 7.66 -11.26 17.02
CA ASP A 107 7.81 -12.67 16.64
C ASP A 107 6.79 -13.60 17.36
N TRP A 108 5.83 -14.14 16.64
CA TRP A 108 4.90 -15.10 17.22
C TRP A 108 4.87 -16.39 16.37
N LYS A 109 6.04 -16.85 15.94
CA LYS A 109 6.12 -18.05 15.13
C LYS A 109 5.65 -19.29 15.88
N GLY A 110 5.67 -19.21 17.21
CA GLY A 110 5.21 -20.32 18.03
C GLY A 110 3.76 -20.60 17.77
N GLY A 111 3.00 -19.59 17.35
CA GLY A 111 1.59 -19.77 17.10
C GLY A 111 1.15 -19.58 15.67
N SER A 112 2.05 -19.11 14.79
CA SER A 112 1.73 -18.83 13.38
C SER A 112 1.74 -20.03 12.44
N LYS A 113 2.46 -21.08 12.81
CA LYS A 113 2.57 -22.29 11.99
C LYS A 113 1.54 -23.37 12.29
N ALA A 114 0.56 -23.04 13.14
CA ALA A 114 -0.53 -23.93 13.47
C ALA A 114 -1.46 -23.91 12.25
N GLN A 115 -2.54 -24.66 12.29
CA GLN A 115 -3.47 -24.64 11.16
C GLN A 115 -4.17 -23.29 11.21
N TYR A 116 -4.71 -22.89 10.07
CA TYR A 116 -5.36 -21.59 9.96
C TYR A 116 -6.34 -21.23 11.05
N SER A 117 -7.33 -22.10 11.26
CA SER A 117 -8.34 -21.87 12.29
C SER A 117 -7.73 -21.70 13.68
N GLN A 118 -6.57 -22.31 13.92
CA GLN A 118 -5.86 -22.20 15.20
C GLN A 118 -5.03 -20.91 15.24
N ALA A 119 -4.23 -20.67 14.19
CA ALA A 119 -3.46 -19.43 14.10
C ALA A 119 -4.40 -18.22 14.21
N SER A 120 -5.64 -18.33 13.73
CA SER A 120 -6.56 -17.21 13.84
C SER A 120 -7.01 -16.91 15.27
N GLN A 121 -7.01 -17.94 16.12
CA GLN A 121 -7.39 -17.78 17.53
C GLN A 121 -6.17 -17.29 18.29
N ASN A 122 -5.00 -17.77 17.88
CA ASN A 122 -3.72 -17.40 18.49
C ASN A 122 -3.38 -15.93 18.47
N ILE A 123 -3.83 -15.22 17.44
CA ILE A 123 -3.57 -13.79 17.32
C ILE A 123 -4.28 -13.01 18.45
N ARG A 124 -5.32 -13.60 19.07
CA ARG A 124 -6.05 -12.99 20.20
C ARG A 124 -5.08 -12.84 21.37
N VAL A 125 -4.25 -13.86 21.58
CA VAL A 125 -3.22 -13.84 22.60
C VAL A 125 -2.08 -12.89 22.22
N VAL A 126 -1.62 -12.98 20.97
CA VAL A 126 -0.54 -12.13 20.47
C VAL A 126 -0.97 -10.62 20.58
N GLY A 127 -2.19 -10.32 20.17
CA GLY A 127 -2.74 -8.99 20.25
C GLY A 127 -2.77 -8.49 21.70
N ALA A 128 -3.21 -9.34 22.63
CA ALA A 128 -3.26 -8.98 24.05
C ALA A 128 -1.85 -8.76 24.55
N GLU A 129 -0.94 -9.60 24.07
CA GLU A 129 0.47 -9.49 24.43
C GLU A 129 1.06 -8.12 23.98
N VAL A 130 0.73 -7.68 22.75
CA VAL A 130 1.17 -6.37 22.20
C VAL A 130 0.56 -5.23 23.02
N ALA A 131 -0.75 -5.33 23.29
CA ALA A 131 -1.47 -4.34 24.10
C ALA A 131 -0.83 -4.22 25.51
N TYR A 132 -0.44 -5.35 26.11
CA TYR A 132 0.19 -5.30 27.43
C TYR A 132 1.52 -4.57 27.37
N LEU A 133 2.33 -4.81 26.35
CA LEU A 133 3.61 -4.08 26.23
C LEU A 133 3.35 -2.55 26.12
N VAL A 134 2.36 -2.18 25.32
CA VAL A 134 2.00 -0.76 25.15
C VAL A 134 1.51 -0.18 26.52
N GLN A 135 0.69 -0.97 27.22
CA GLN A 135 0.15 -0.62 28.54
C GLN A 135 1.32 -0.38 29.51
N VAL A 136 2.32 -1.24 29.53
CA VAL A 136 3.48 -1.04 30.42
C VAL A 136 4.28 0.18 30.04
N LEU A 137 4.37 0.48 28.74
CA LEU A 137 5.12 1.65 28.26
C LEU A 137 4.39 2.88 28.72
N SER A 138 3.08 2.85 28.63
CA SER A 138 2.27 3.98 29.06
C SER A 138 2.49 4.18 30.55
N THR A 139 2.08 3.18 31.32
CA THR A 139 2.16 3.14 32.77
C THR A 139 3.51 3.29 33.49
N SER A 140 4.50 2.54 33.07
CA SER A 140 5.79 2.58 33.74
C SER A 140 6.84 3.49 33.13
N LEU A 141 6.70 3.80 31.85
CA LEU A 141 7.66 4.65 31.14
C LEU A 141 7.04 5.98 30.73
N ASN A 142 5.79 6.19 31.12
CA ASN A 142 5.10 7.43 30.79
C ASN A 142 5.11 7.71 29.28
N TYR A 143 5.20 6.66 28.47
CA TYR A 143 5.22 6.78 27.02
C TYR A 143 3.80 6.67 26.50
N ALA A 144 3.26 7.75 25.92
CA ALA A 144 1.88 7.74 25.39
C ALA A 144 1.63 6.81 24.20
N PRO A 145 0.49 6.08 24.15
CA PRO A 145 0.16 5.14 23.05
C PRO A 145 -0.04 5.79 21.67
N GLU A 146 -0.40 7.07 21.65
CA GLU A 146 -0.59 7.80 20.41
C GLU A 146 0.73 7.88 19.62
N ASN A 147 1.85 7.61 20.30
CA ASN A 147 3.15 7.60 19.65
C ASN A 147 3.44 6.23 19.07
N VAL A 148 2.42 5.36 19.04
CA VAL A 148 2.60 4.00 18.55
C VAL A 148 1.85 3.82 17.25
N HIS A 149 2.52 3.09 16.35
CA HIS A 149 2.01 2.73 15.04
C HIS A 149 2.25 1.22 15.00
N ILE A 150 1.26 0.47 14.54
CA ILE A 150 1.45 -0.98 14.43
C ILE A 150 1.19 -1.36 12.97
N ILE A 151 2.15 -2.05 12.35
CA ILE A 151 2.03 -2.48 10.96
C ILE A 151 1.86 -3.98 11.02
N GLY A 152 0.83 -4.48 10.38
CA GLY A 152 0.62 -5.90 10.40
C GLY A 152 0.27 -6.50 9.05
N HIS A 153 0.87 -7.63 8.73
CA HIS A 153 0.57 -8.29 7.49
C HIS A 153 -0.30 -9.55 7.69
N SER A 154 -1.35 -9.72 6.89
CA SER A 154 -2.17 -10.93 6.97
C SER A 154 -2.82 -11.00 8.36
N LEU A 155 -2.61 -12.10 9.08
CA LEU A 155 -3.15 -12.25 10.43
C LEU A 155 -2.60 -11.14 11.31
N GLY A 156 -1.42 -10.64 10.96
CA GLY A 156 -0.81 -9.55 11.72
C GLY A 156 -1.63 -8.26 11.68
N ALA A 157 -2.46 -8.11 10.65
CA ALA A 157 -3.29 -6.92 10.53
C ALA A 157 -4.34 -6.97 11.62
N HIS A 158 -4.98 -8.13 11.73
CA HIS A 158 -6.00 -8.36 12.74
C HIS A 158 -5.39 -8.43 14.14
N THR A 159 -4.14 -8.87 14.22
CA THR A 159 -3.44 -8.91 15.49
C THR A 159 -3.33 -7.44 15.97
N ALA A 160 -2.91 -6.54 15.07
CA ALA A 160 -2.77 -5.11 15.36
C ALA A 160 -4.13 -4.58 15.83
N GLY A 161 -5.17 -5.07 15.17
CA GLY A 161 -6.54 -4.74 15.51
C GLY A 161 -6.92 -5.18 16.93
N GLU A 162 -6.55 -6.41 17.31
CA GLU A 162 -6.84 -6.90 18.66
C GLU A 162 -6.15 -6.00 19.65
N ALA A 163 -4.88 -5.71 19.38
CA ALA A 163 -4.09 -4.85 20.25
C ALA A 163 -4.68 -3.45 20.35
N GLY A 164 -5.19 -2.94 19.24
CA GLY A 164 -5.79 -1.62 19.23
C GLY A 164 -7.09 -1.60 20.04
N LYS A 165 -7.93 -2.61 19.85
CA LYS A 165 -9.19 -2.77 20.60
C LYS A 165 -8.93 -2.86 22.13
N ARG A 166 -7.93 -3.66 22.51
CA ARG A 166 -7.55 -3.86 23.91
C ARG A 166 -6.91 -2.63 24.51
N LEU A 167 -6.57 -1.66 23.66
CA LEU A 167 -5.97 -0.41 24.09
C LEU A 167 -7.01 0.70 23.94
N ASN A 168 -8.26 0.30 23.67
CA ASN A 168 -9.42 1.20 23.47
C ASN A 168 -9.27 2.25 22.37
N GLY A 169 -8.66 1.85 21.25
CA GLY A 169 -8.48 2.74 20.11
C GLY A 169 -7.56 3.94 20.28
N LEU A 170 -6.75 3.92 21.33
CA LEU A 170 -5.82 5.01 21.61
C LEU A 170 -4.50 4.90 20.84
N VAL A 171 -4.25 3.75 20.20
CA VAL A 171 -3.02 3.58 19.44
C VAL A 171 -3.01 4.64 18.32
N GLY A 172 -1.84 5.18 18.06
CA GLY A 172 -1.72 6.19 17.03
C GLY A 172 -2.23 5.78 15.66
N ARG A 173 -1.71 4.69 15.13
CA ARG A 173 -2.10 4.23 13.82
C ARG A 173 -1.92 2.74 13.68
N ILE A 174 -2.76 2.14 12.85
CA ILE A 174 -2.61 0.74 12.51
C ILE A 174 -2.60 0.69 10.97
N THR A 175 -1.61 0.04 10.39
CA THR A 175 -1.55 -0.13 8.95
C THR A 175 -1.77 -1.60 8.69
N GLY A 176 -2.81 -1.92 7.92
CA GLY A 176 -3.10 -3.29 7.58
C GLY A 176 -2.50 -3.61 6.24
N LEU A 177 -1.61 -4.58 6.18
CA LEU A 177 -0.98 -4.98 4.92
C LEU A 177 -1.69 -6.24 4.42
N ASP A 178 -2.60 -6.02 3.47
CA ASP A 178 -3.42 -7.08 2.88
C ASP A 178 -4.02 -7.95 4.00
N PRO A 179 -4.89 -7.37 4.85
CA PRO A 179 -5.49 -8.14 5.94
C PRO A 179 -6.18 -9.42 5.48
N ALA A 180 -5.86 -10.54 6.14
CA ALA A 180 -6.42 -11.85 5.80
C ALA A 180 -7.95 -11.85 5.72
N GLU A 181 -8.46 -12.59 4.74
CA GLU A 181 -9.90 -12.71 4.49
C GLU A 181 -10.65 -13.80 5.29
N PRO A 182 -10.16 -15.07 5.25
CA PRO A 182 -10.85 -16.14 5.99
C PRO A 182 -10.86 -15.90 7.50
N TYR A 183 -12.02 -16.13 8.14
CA TYR A 183 -12.24 -15.97 9.59
C TYR A 183 -12.38 -14.52 10.03
N PHE A 184 -12.26 -13.60 9.07
CA PHE A 184 -12.31 -12.18 9.38
C PHE A 184 -13.25 -11.38 8.54
N GLN A 185 -13.48 -11.82 7.31
CA GLN A 185 -14.38 -11.10 6.46
C GLN A 185 -15.79 -11.35 7.00
N ASP A 186 -16.53 -10.27 7.19
CA ASP A 186 -17.90 -10.34 7.69
C ASP A 186 -18.07 -10.75 9.18
N THR A 187 -17.04 -10.49 9.97
CA THR A 187 -17.10 -10.79 11.38
C THR A 187 -17.32 -9.44 12.08
N PRO A 188 -17.80 -9.44 13.34
CA PRO A 188 -18.02 -8.18 14.06
C PRO A 188 -16.72 -7.43 14.28
N GLU A 189 -16.80 -6.13 14.59
CA GLU A 189 -15.62 -5.30 14.81
C GLU A 189 -14.60 -5.82 15.83
N GLU A 190 -15.09 -6.53 16.86
CA GLU A 190 -14.23 -7.07 17.93
C GLU A 190 -13.29 -8.17 17.44
N VAL A 191 -13.69 -8.88 16.39
CA VAL A 191 -12.89 -9.95 15.82
C VAL A 191 -11.83 -9.46 14.82
N ARG A 192 -12.21 -8.50 13.96
CA ARG A 192 -11.36 -7.95 12.89
C ARG A 192 -10.87 -6.49 13.02
N LEU A 193 -9.88 -6.17 12.19
CA LEU A 193 -9.32 -4.82 12.14
C LEU A 193 -10.49 -3.96 11.61
N ASP A 194 -10.67 -2.79 12.18
CA ASP A 194 -11.72 -1.90 11.75
C ASP A 194 -11.24 -0.52 12.16
N PRO A 195 -11.84 0.54 11.61
CA PRO A 195 -11.46 1.92 11.90
C PRO A 195 -11.34 2.30 13.37
N SER A 196 -12.17 1.68 14.21
CA SER A 196 -12.19 1.99 15.65
C SER A 196 -11.00 1.51 16.44
N ASP A 197 -10.20 0.61 15.87
CA ASP A 197 -9.05 0.06 16.56
C ASP A 197 -7.88 0.98 16.78
N ALA A 198 -7.85 2.10 16.06
CA ALA A 198 -6.74 3.05 16.21
C ALA A 198 -7.23 4.42 15.75
N LYS A 199 -6.48 5.48 16.08
CA LYS A 199 -6.86 6.85 15.69
C LYS A 199 -6.95 6.96 14.16
N PHE A 200 -6.02 6.32 13.46
CA PHE A 200 -5.99 6.31 11.99
C PHE A 200 -5.63 4.92 11.53
N VAL A 201 -6.42 4.38 10.60
CA VAL A 201 -6.15 3.03 10.08
C VAL A 201 -6.12 3.10 8.53
N ASP A 202 -4.96 2.79 7.97
CA ASP A 202 -4.76 2.78 6.52
C ASP A 202 -4.46 1.35 6.06
N VAL A 203 -5.22 0.89 5.07
CA VAL A 203 -5.11 -0.47 4.55
C VAL A 203 -4.67 -0.55 3.07
N ILE A 204 -3.72 -1.43 2.77
CA ILE A 204 -3.22 -1.67 1.42
C ILE A 204 -3.67 -3.09 0.97
N HIS A 205 -4.64 -3.18 0.08
CA HIS A 205 -5.11 -4.45 -0.45
C HIS A 205 -4.36 -4.92 -1.72
N THR A 206 -3.73 -6.08 -1.70
CA THR A 206 -3.01 -6.56 -2.87
C THR A 206 -3.34 -7.97 -3.33
N ASP A 207 -4.30 -8.64 -2.68
CA ASP A 207 -4.63 -10.02 -3.04
C ASP A 207 -6.08 -10.27 -2.64
N ILE A 208 -6.94 -9.32 -2.95
CA ILE A 208 -8.34 -9.44 -2.58
C ILE A 208 -9.19 -10.47 -3.34
N SER A 209 -8.54 -11.33 -4.12
CA SER A 209 -9.22 -12.37 -4.91
C SER A 209 -9.98 -13.36 -4.02
N PRO A 210 -11.05 -13.99 -4.53
CA PRO A 210 -11.79 -14.96 -3.71
C PRO A 210 -10.97 -16.23 -3.51
N ILE A 211 -10.68 -16.53 -2.23
CA ILE A 211 -9.85 -17.69 -1.89
C ILE A 211 -10.23 -18.95 -2.70
N LEU A 212 -11.50 -19.32 -2.67
CA LEU A 212 -11.95 -20.48 -3.44
C LEU A 212 -12.78 -19.90 -4.57
N PRO A 213 -12.30 -20.05 -5.82
CA PRO A 213 -11.07 -20.71 -6.30
C PRO A 213 -9.84 -19.84 -6.54
N SER A 214 -9.98 -18.49 -6.43
CA SER A 214 -8.84 -17.63 -6.79
C SER A 214 -7.79 -17.28 -5.71
N LEU A 215 -7.70 -18.05 -4.63
CA LEU A 215 -6.71 -17.81 -3.54
C LEU A 215 -6.32 -16.37 -3.23
N GLY A 216 -7.32 -15.54 -2.95
CA GLY A 216 -7.05 -14.15 -2.60
C GLY A 216 -6.92 -14.08 -1.09
N PHE A 217 -5.68 -14.22 -0.61
CA PHE A 217 -5.40 -14.22 0.82
C PHE A 217 -5.97 -13.04 1.63
N GLY A 218 -6.02 -11.86 1.03
CA GLY A 218 -6.53 -10.67 1.70
C GLY A 218 -8.02 -10.46 1.50
N MET A 219 -8.57 -9.48 2.24
CA MET A 219 -10.00 -9.19 2.14
C MET A 219 -10.36 -8.04 1.17
N SER A 220 -11.48 -8.20 0.46
CA SER A 220 -11.95 -7.23 -0.51
C SER A 220 -12.64 -6.00 0.12
N GLN A 221 -13.44 -6.22 1.15
CA GLN A 221 -14.15 -5.11 1.81
C GLN A 221 -13.19 -4.21 2.62
N LYS A 222 -13.60 -2.95 2.75
CA LYS A 222 -12.85 -1.89 3.45
C LYS A 222 -12.82 -1.98 4.99
N VAL A 223 -11.62 -1.90 5.55
CA VAL A 223 -11.43 -2.00 7.00
C VAL A 223 -10.73 -0.82 7.69
N GLY A 224 -10.37 0.22 6.93
CA GLY A 224 -9.68 1.35 7.53
C GLY A 224 -10.29 2.70 7.17
N HIS A 225 -9.65 3.76 7.61
CA HIS A 225 -10.10 5.12 7.30
C HIS A 225 -9.82 5.33 5.82
N MET A 226 -8.67 4.82 5.36
CA MET A 226 -8.34 4.90 3.97
C MET A 226 -7.79 3.58 3.44
N ASP A 227 -8.53 3.00 2.50
CA ASP A 227 -8.18 1.74 1.87
C ASP A 227 -7.67 2.00 0.46
N PHE A 228 -6.46 1.52 0.23
CA PHE A 228 -5.75 1.65 -1.01
C PHE A 228 -5.78 0.33 -1.75
N PHE A 229 -6.06 0.39 -3.05
CA PHE A 229 -6.08 -0.80 -3.88
C PHE A 229 -5.06 -0.76 -5.02
N PRO A 230 -3.77 -0.97 -4.71
CA PRO A 230 -2.83 -0.92 -5.83
C PRO A 230 -3.13 -1.97 -6.88
N ASN A 231 -3.17 -1.52 -8.14
CA ASN A 231 -3.40 -2.36 -9.31
C ASN A 231 -4.77 -3.05 -9.27
N GLY A 232 -5.70 -2.41 -8.57
CA GLY A 232 -7.05 -2.96 -8.45
C GLY A 232 -7.18 -3.84 -7.22
N GLY A 233 -6.04 -4.11 -6.59
CA GLY A 233 -6.00 -4.92 -5.39
C GLY A 233 -6.06 -6.39 -5.72
N LYS A 234 -5.91 -6.72 -6.99
CA LYS A 234 -5.98 -8.11 -7.44
C LYS A 234 -4.72 -8.78 -8.03
N ASP A 235 -4.48 -8.57 -9.32
CA ASP A 235 -3.32 -9.22 -9.92
C ASP A 235 -2.18 -8.25 -10.06
N MET A 236 -1.31 -8.21 -9.06
CA MET A 236 -0.17 -7.32 -9.07
C MET A 236 0.79 -7.64 -10.22
N PRO A 237 1.31 -6.61 -10.87
CA PRO A 237 2.24 -6.85 -11.97
C PRO A 237 3.42 -7.65 -11.43
N GLY A 238 3.87 -8.63 -12.21
CA GLY A 238 5.01 -9.46 -11.79
C GLY A 238 4.69 -10.68 -10.96
N CYS A 239 3.41 -10.93 -10.70
CA CYS A 239 3.00 -12.09 -9.90
C CYS A 239 2.19 -13.12 -10.67
N LYS A 240 2.81 -13.69 -11.70
CA LYS A 240 2.16 -14.72 -12.51
C LYS A 240 2.52 -16.11 -11.93
N THR A 241 3.66 -16.15 -11.23
CA THR A 241 4.15 -17.35 -10.57
C THR A 241 4.44 -17.02 -9.10
N GLY A 242 4.67 -18.04 -8.28
CA GLY A 242 4.94 -17.84 -6.87
C GLY A 242 3.58 -17.65 -6.21
N ILE A 243 3.23 -18.60 -5.34
CA ILE A 243 1.94 -18.59 -4.65
C ILE A 243 1.65 -17.42 -3.71
N SER A 244 2.63 -16.99 -2.94
CA SER A 244 2.36 -15.90 -2.01
C SER A 244 2.67 -14.49 -2.56
N CYS A 245 3.04 -14.43 -3.84
CA CYS A 245 3.44 -13.20 -4.53
C CYS A 245 2.52 -11.98 -4.37
N ASN A 246 1.25 -12.10 -4.74
CA ASN A 246 0.31 -10.99 -4.62
C ASN A 246 0.16 -10.59 -3.18
N HIS A 247 0.15 -11.61 -2.33
CA HIS A 247 0.02 -11.44 -0.88
C HIS A 247 1.19 -10.65 -0.29
N HIS A 248 2.41 -11.01 -0.67
CA HIS A 248 3.63 -10.35 -0.21
C HIS A 248 3.88 -8.97 -0.88
N ARG A 249 3.16 -8.66 -1.97
CA ARG A 249 3.32 -7.37 -2.63
C ARG A 249 3.01 -6.21 -1.70
N SER A 250 2.02 -6.37 -0.82
CA SER A 250 1.66 -5.31 0.12
C SER A 250 2.85 -4.89 1.01
N ILE A 251 3.70 -5.83 1.37
CA ILE A 251 4.88 -5.56 2.19
C ILE A 251 5.88 -4.76 1.34
N GLU A 252 6.06 -5.25 0.10
CA GLU A 252 6.97 -4.63 -0.87
C GLU A 252 6.63 -3.17 -1.23
N TYR A 253 5.35 -2.89 -1.44
CA TYR A 253 4.93 -1.54 -1.76
C TYR A 253 5.10 -0.64 -0.55
N TYR A 254 4.81 -1.15 0.66
CA TYR A 254 4.98 -0.34 1.87
C TYR A 254 6.46 -0.06 2.08
N HIS A 255 7.27 -1.11 1.99
CA HIS A 255 8.72 -1.01 2.14
C HIS A 255 9.33 0.04 1.18
N SER A 256 8.95 -0.03 -0.09
CA SER A 256 9.45 0.92 -1.08
C SER A 256 8.90 2.33 -0.83
N SER A 257 7.66 2.41 -0.36
CA SER A 257 7.01 3.68 -0.06
C SER A 257 7.69 4.50 1.04
N ILE A 258 8.57 3.88 1.83
CA ILE A 258 9.28 4.61 2.89
C ILE A 258 10.36 5.50 2.26
N LEU A 259 10.94 5.02 1.16
CA LEU A 259 11.99 5.71 0.44
C LEU A 259 11.41 6.52 -0.73
N ASN A 260 10.31 6.04 -1.29
CA ASN A 260 9.66 6.63 -2.45
C ASN A 260 8.19 7.01 -2.26
N PRO A 261 7.86 7.92 -1.33
CA PRO A 261 6.45 8.26 -1.13
C PRO A 261 5.72 8.80 -2.38
N GLU A 262 6.41 9.71 -3.04
CA GLU A 262 5.98 10.37 -4.27
C GLU A 262 5.61 9.37 -5.38
N GLY A 263 6.21 8.18 -5.31
CA GLY A 263 5.95 7.17 -6.30
C GLY A 263 4.71 6.35 -6.17
N PHE A 264 3.89 6.70 -5.18
CA PHE A 264 2.66 5.95 -4.95
C PHE A 264 1.46 6.83 -4.57
N LEU A 265 1.17 7.87 -5.35
CA LEU A 265 0.02 8.71 -5.05
C LEU A 265 -1.23 7.89 -5.28
N GLY A 266 -2.21 8.05 -4.40
CA GLY A 266 -3.45 7.32 -4.52
C GLY A 266 -4.52 8.25 -5.01
N TYR A 267 -5.35 7.80 -5.93
CA TYR A 267 -6.38 8.66 -6.51
C TYR A 267 -7.76 8.30 -6.03
N PRO A 268 -8.47 9.25 -5.37
CA PRO A 268 -9.82 8.93 -4.89
C PRO A 268 -10.64 8.53 -6.08
N CYS A 269 -11.30 7.38 -5.98
CA CYS A 269 -12.08 6.89 -7.09
C CYS A 269 -13.05 5.83 -6.58
N ALA A 270 -14.24 5.82 -7.18
CA ALA A 270 -15.27 4.86 -6.82
C ALA A 270 -14.84 3.43 -7.15
N SER A 271 -14.07 3.27 -8.22
CA SER A 271 -13.60 1.97 -8.63
C SER A 271 -12.37 2.05 -9.55
N TYR A 272 -11.73 0.91 -9.71
CA TYR A 272 -10.54 0.78 -10.53
C TYR A 272 -10.94 0.95 -12.00
N ASP A 273 -12.15 0.48 -12.30
CA ASP A 273 -12.72 0.59 -13.64
C ASP A 273 -12.71 2.04 -14.08
N GLU A 274 -13.32 2.90 -13.27
CA GLU A 274 -13.39 4.33 -13.54
C GLU A 274 -12.03 5.02 -13.61
N PHE A 275 -11.08 4.54 -12.80
CA PHE A 275 -9.71 5.06 -12.73
C PHE A 275 -8.99 4.75 -14.04
N GLN A 276 -9.10 3.49 -14.49
CA GLN A 276 -8.49 3.03 -15.72
C GLN A 276 -9.03 3.76 -16.96
N GLU A 277 -10.25 4.27 -16.85
CA GLU A 277 -10.94 4.98 -17.93
C GLU A 277 -10.86 6.51 -17.84
N SER A 278 -9.89 7.03 -17.08
CA SER A 278 -9.71 8.48 -16.96
C SER A 278 -10.89 9.25 -16.38
N GLY A 279 -11.19 9.00 -15.11
CA GLY A 279 -12.28 9.69 -14.45
C GLY A 279 -11.86 10.14 -13.05
N CYS A 280 -10.68 9.70 -12.62
CA CYS A 280 -10.16 10.03 -11.29
C CYS A 280 -8.75 10.58 -11.34
N PHE A 281 -8.58 11.59 -12.17
CA PHE A 281 -7.31 12.27 -12.36
C PHE A 281 -7.68 13.69 -12.80
N PRO A 282 -6.94 14.69 -12.33
CA PRO A 282 -5.79 14.57 -11.42
C PRO A 282 -6.21 14.48 -9.94
N CYS A 283 -5.24 14.71 -9.07
CA CYS A 283 -5.46 14.70 -7.63
C CYS A 283 -6.47 15.76 -7.23
N PRO A 284 -7.24 15.52 -6.15
CA PRO A 284 -8.21 16.53 -5.74
C PRO A 284 -7.42 17.76 -5.25
N ALA A 285 -8.10 18.87 -4.96
CA ALA A 285 -7.44 20.09 -4.52
C ALA A 285 -6.38 19.92 -3.42
N LYS A 286 -6.69 19.11 -2.41
CA LYS A 286 -5.77 18.87 -1.28
C LYS A 286 -4.60 17.93 -1.61
N GLY A 287 -4.61 17.40 -2.83
CA GLY A 287 -3.55 16.51 -3.24
C GLY A 287 -4.03 15.10 -3.02
N CYS A 288 -3.20 14.18 -3.45
CA CYS A 288 -3.50 12.77 -3.30
C CYS A 288 -2.73 12.31 -2.08
N PRO A 289 -3.31 11.35 -1.33
CA PRO A 289 -2.58 10.87 -0.16
C PRO A 289 -1.49 9.93 -0.72
N LYS A 290 -0.40 9.80 0.00
CA LYS A 290 0.65 8.90 -0.44
C LYS A 290 0.44 7.55 0.27
N MET A 291 0.27 6.51 -0.53
CA MET A 291 0.07 5.16 -0.05
C MET A 291 1.32 4.77 0.71
N GLY A 292 1.12 4.05 1.81
CA GLY A 292 2.23 3.57 2.61
C GLY A 292 2.60 4.41 3.81
N HIS A 293 3.90 4.40 4.06
CA HIS A 293 4.48 5.05 5.21
C HIS A 293 4.03 6.43 5.55
N PHE A 294 3.72 7.22 4.54
CA PHE A 294 3.34 8.58 4.77
C PHE A 294 1.88 8.85 4.52
N ALA A 295 1.06 7.82 4.46
CA ALA A 295 -0.36 8.07 4.22
C ALA A 295 -0.94 8.90 5.36
N ASP A 296 -0.26 8.90 6.49
CA ASP A 296 -0.76 9.64 7.65
C ASP A 296 -0.61 11.16 7.49
N GLN A 297 0.14 11.60 6.48
CA GLN A 297 0.34 13.04 6.22
C GLN A 297 -0.87 13.70 5.51
N TYR A 298 -1.84 12.89 5.09
CA TYR A 298 -3.02 13.36 4.37
C TYR A 298 -3.95 14.16 5.28
N PRO A 299 -4.19 15.42 4.92
CA PRO A 299 -5.06 16.32 5.69
C PRO A 299 -6.41 15.76 6.13
N GLY A 300 -7.17 15.15 5.22
CA GLY A 300 -8.45 14.64 5.66
C GLY A 300 -8.49 13.14 5.89
N LYS A 301 -7.41 12.58 6.44
CA LYS A 301 -7.30 11.14 6.65
C LYS A 301 -8.38 10.37 7.43
N THR A 302 -8.90 10.94 8.51
CA THR A 302 -9.93 10.27 9.35
C THR A 302 -11.31 10.90 9.36
N ASN A 303 -11.50 11.93 8.56
CA ASN A 303 -12.77 12.64 8.51
C ASN A 303 -13.91 11.78 7.99
N ALA A 304 -13.57 10.61 7.46
CA ALA A 304 -14.53 9.65 6.94
C ALA A 304 -13.87 8.27 6.93
N VAL A 305 -14.67 7.21 6.90
CA VAL A 305 -14.10 5.86 6.89
C VAL A 305 -14.31 5.23 5.52
N GLU A 306 -13.52 4.20 5.23
CA GLU A 306 -13.58 3.44 3.98
C GLU A 306 -13.34 4.27 2.69
N GLN A 307 -12.50 5.30 2.80
CA GLN A 307 -12.15 6.15 1.66
C GLN A 307 -11.32 5.25 0.73
N THR A 308 -11.78 5.03 -0.51
CA THR A 308 -11.06 4.18 -1.46
C THR A 308 -10.11 4.99 -2.35
N PHE A 309 -8.95 4.42 -2.64
CA PHE A 309 -7.94 5.08 -3.43
C PHE A 309 -7.34 4.08 -4.41
N PHE A 310 -7.20 4.48 -5.68
CA PHE A 310 -6.64 3.60 -6.71
C PHE A 310 -5.34 4.16 -7.31
N LEU A 311 -4.49 3.27 -7.81
CA LEU A 311 -3.20 3.63 -8.40
C LEU A 311 -2.61 2.34 -8.94
N ASN A 312 -1.57 2.48 -9.76
CA ASN A 312 -0.88 1.33 -10.37
C ASN A 312 0.57 1.40 -9.97
N THR A 313 1.26 0.27 -10.08
CA THR A 313 2.67 0.21 -9.71
C THR A 313 3.45 -0.57 -10.75
N GLY A 314 4.78 -0.59 -10.68
CA GLY A 314 5.50 -1.46 -11.59
C GLY A 314 5.44 -2.87 -11.02
N ALA A 315 6.24 -3.71 -11.68
CA ALA A 315 6.38 -5.15 -11.39
C ALA A 315 7.58 -5.59 -10.54
N SER A 316 8.55 -4.71 -10.43
CA SER A 316 9.70 -4.95 -9.53
C SER A 316 10.48 -3.66 -9.57
N ASP A 317 11.62 -3.59 -8.92
CA ASP A 317 12.39 -2.35 -9.00
C ASP A 317 11.61 -1.16 -8.44
N ASN A 318 11.59 -1.02 -7.12
CA ASN A 318 10.90 0.05 -6.39
C ASN A 318 9.40 0.31 -6.72
N PHE A 319 8.87 -0.34 -7.76
CA PHE A 319 7.44 -0.31 -8.11
C PHE A 319 6.80 1.05 -8.40
N THR A 320 7.55 2.08 -8.13
CA THR A 320 7.07 3.43 -8.28
C THR A 320 6.61 3.88 -9.67
N ARG A 321 5.55 4.69 -9.69
CA ARG A 321 4.98 5.19 -10.92
C ARG A 321 4.39 6.59 -10.69
N TRP A 322 4.34 7.39 -11.76
CA TRP A 322 3.77 8.73 -11.71
C TRP A 322 2.82 8.89 -12.86
N ARG A 323 1.60 9.29 -12.55
CA ARG A 323 0.55 9.40 -13.53
C ARG A 323 0.48 10.78 -14.20
N TYR A 324 0.29 10.77 -15.52
CA TYR A 324 0.16 11.99 -16.34
C TYR A 324 -1.00 11.82 -17.30
N LYS A 325 -1.61 12.93 -17.70
CA LYS A 325 -2.67 12.88 -18.70
C LYS A 325 -2.13 13.71 -19.88
N VAL A 326 -2.13 13.11 -21.06
CA VAL A 326 -1.65 13.80 -22.24
C VAL A 326 -2.79 13.92 -23.26
N SER A 327 -3.01 15.10 -23.81
CA SER A 327 -4.03 15.32 -24.83
C SER A 327 -3.36 15.75 -26.16
N VAL A 328 -3.57 14.95 -27.22
CA VAL A 328 -2.97 15.20 -28.55
C VAL A 328 -3.98 15.73 -29.60
N THR A 329 -3.65 16.85 -30.25
CA THR A 329 -4.52 17.39 -31.30
C THR A 329 -3.78 17.05 -32.58
N LEU A 330 -4.39 16.19 -33.40
CA LEU A 330 -3.80 15.74 -34.64
C LEU A 330 -3.83 16.74 -35.81
N SER A 331 -2.85 16.60 -36.70
CA SER A 331 -2.73 17.44 -37.87
C SER A 331 -2.15 16.56 -38.97
N GLY A 332 -2.28 17.00 -40.23
CA GLY A 332 -1.77 16.22 -41.35
C GLY A 332 -2.88 15.48 -42.07
N LYS A 333 -2.58 14.30 -42.62
CA LYS A 333 -3.58 13.50 -43.34
C LYS A 333 -4.18 12.39 -42.47
N LYS A 334 -5.45 12.07 -42.75
CA LYS A 334 -6.14 11.02 -42.03
C LYS A 334 -5.63 9.63 -42.45
N VAL A 335 -5.00 8.95 -41.50
CA VAL A 335 -4.46 7.61 -41.71
C VAL A 335 -5.04 6.76 -40.61
N THR A 336 -4.57 5.52 -40.58
CA THR A 336 -4.98 4.60 -39.55
C THR A 336 -3.65 4.17 -38.93
N GLY A 337 -3.51 4.45 -37.64
CA GLY A 337 -2.30 4.08 -36.95
C GLY A 337 -2.34 4.54 -35.52
N HIS A 338 -1.21 4.38 -34.83
CA HIS A 338 -1.11 4.75 -33.43
C HIS A 338 -0.14 5.87 -33.15
N ILE A 339 -0.54 6.76 -32.24
CA ILE A 339 0.28 7.88 -31.87
C ILE A 339 0.88 7.66 -30.48
N LEU A 340 2.14 8.03 -30.31
CA LEU A 340 2.86 7.88 -29.04
C LEU A 340 3.47 9.21 -28.66
N VAL A 341 3.61 9.45 -27.37
CA VAL A 341 4.17 10.70 -26.85
C VAL A 341 5.24 10.32 -25.84
N SER A 342 6.26 11.15 -25.70
CA SER A 342 7.33 10.93 -24.73
C SER A 342 7.39 12.26 -24.00
N LEU A 343 7.70 12.24 -22.71
CA LEU A 343 7.75 13.47 -21.96
C LEU A 343 9.19 13.80 -21.57
N PHE A 344 9.58 15.06 -21.71
CA PHE A 344 10.93 15.48 -21.35
C PHE A 344 10.86 16.62 -20.38
N GLY A 345 11.55 16.48 -19.25
CA GLY A 345 11.54 17.53 -18.25
C GLY A 345 12.91 17.63 -17.64
N ASN A 346 13.05 18.47 -16.62
CA ASN A 346 14.34 18.66 -15.94
C ASN A 346 14.88 17.48 -15.12
N LYS A 347 14.01 16.58 -14.69
CA LYS A 347 14.46 15.40 -13.94
C LYS A 347 14.85 14.28 -14.90
N GLY A 348 14.04 14.06 -15.92
CA GLY A 348 14.34 13.03 -16.87
C GLY A 348 13.30 12.95 -17.95
N ASN A 349 13.30 11.87 -18.70
CA ASN A 349 12.32 11.72 -19.76
C ASN A 349 11.66 10.35 -19.67
N SER A 350 10.36 10.31 -19.86
CA SER A 350 9.64 9.07 -19.78
C SER A 350 9.87 8.29 -21.06
N LYS A 351 9.23 7.13 -21.12
CA LYS A 351 9.29 6.28 -22.30
C LYS A 351 8.18 6.82 -23.19
N GLN A 352 7.92 6.14 -24.30
CA GLN A 352 6.86 6.56 -25.21
C GLN A 352 5.62 5.76 -24.86
N TYR A 353 4.49 6.45 -24.67
CA TYR A 353 3.24 5.81 -24.31
C TYR A 353 2.15 6.01 -25.34
N GLU A 354 1.65 4.92 -25.91
CA GLU A 354 0.57 4.98 -26.89
C GLU A 354 -0.60 5.75 -26.31
N ILE A 355 -1.06 6.75 -27.05
CA ILE A 355 -2.18 7.60 -26.64
C ILE A 355 -3.45 7.14 -27.32
N PHE A 356 -3.31 6.68 -28.55
CA PHE A 356 -4.44 6.27 -29.35
C PHE A 356 -3.93 5.34 -30.45
N LYS A 357 -4.79 4.40 -30.86
CA LYS A 357 -4.45 3.43 -31.91
C LYS A 357 -5.69 3.22 -32.77
N GLY A 358 -5.72 3.88 -33.92
CA GLY A 358 -6.86 3.75 -34.81
C GLY A 358 -6.88 4.80 -35.90
N THR A 359 -8.05 5.41 -36.09
CA THR A 359 -8.21 6.43 -37.12
C THR A 359 -7.79 7.82 -36.63
N LEU A 360 -6.64 8.25 -37.12
CA LEU A 360 -6.06 9.54 -36.78
C LEU A 360 -6.60 10.61 -37.75
N LYS A 361 -7.71 11.25 -37.40
CA LYS A 361 -8.32 12.29 -38.22
C LYS A 361 -7.76 13.66 -37.79
N PRO A 362 -7.37 14.51 -38.76
CA PRO A 362 -6.81 15.84 -38.50
C PRO A 362 -7.75 16.76 -37.73
N ASP A 363 -7.18 17.43 -36.74
CA ASP A 363 -7.86 18.36 -35.82
C ASP A 363 -8.80 17.63 -34.86
N SER A 364 -8.49 16.36 -34.60
CA SER A 364 -9.24 15.53 -33.63
C SER A 364 -8.35 15.34 -32.39
N THR A 365 -8.88 15.67 -31.22
CA THR A 365 -8.17 15.55 -29.92
C THR A 365 -8.30 14.13 -29.34
N HIS A 366 -7.19 13.59 -28.82
CA HIS A 366 -7.16 12.25 -28.23
C HIS A 366 -6.38 12.28 -26.91
N SER A 367 -7.08 12.08 -25.79
CA SER A 367 -6.47 12.06 -24.46
C SER A 367 -6.29 10.62 -23.95
N ASN A 368 -5.30 10.46 -23.09
CA ASN A 368 -4.99 9.18 -22.45
C ASN A 368 -4.15 9.46 -21.21
N GLU A 369 -4.45 8.73 -20.13
CA GLU A 369 -3.72 8.85 -18.87
C GLU A 369 -2.79 7.65 -18.86
N PHE A 370 -1.58 7.83 -18.36
CA PHE A 370 -0.63 6.71 -18.33
C PHE A 370 0.22 6.85 -17.10
N ASP A 371 0.89 5.77 -16.72
CA ASP A 371 1.75 5.77 -15.54
C ASP A 371 3.19 5.63 -15.95
N SER A 372 3.92 6.71 -15.75
CA SER A 372 5.32 6.80 -16.10
C SER A 372 6.20 6.19 -15.02
N ASP A 373 7.20 5.44 -15.46
CA ASP A 373 8.15 4.82 -14.55
C ASP A 373 9.25 5.83 -14.17
N VAL A 374 9.05 7.08 -14.55
CA VAL A 374 10.00 8.16 -14.25
C VAL A 374 9.19 9.43 -14.01
N ASP A 375 9.60 10.24 -13.04
CA ASP A 375 8.98 11.53 -12.80
C ASP A 375 9.86 12.44 -13.66
N VAL A 376 9.30 13.09 -14.69
CA VAL A 376 10.08 13.98 -15.59
C VAL A 376 10.40 15.33 -14.97
N GLY A 377 9.55 15.79 -14.06
CA GLY A 377 9.76 17.06 -13.40
C GLY A 377 9.02 18.13 -14.15
N ASP A 378 9.61 19.31 -14.20
CA ASP A 378 9.02 20.42 -14.93
C ASP A 378 9.23 20.07 -16.40
N LEU A 379 8.14 19.99 -17.15
CA LEU A 379 8.23 19.60 -18.56
C LEU A 379 8.92 20.63 -19.47
N GLN A 380 9.89 20.16 -20.25
CA GLN A 380 10.66 20.98 -21.21
C GLN A 380 10.16 20.85 -22.66
N MET A 381 9.84 19.62 -23.05
CA MET A 381 9.35 19.35 -24.39
C MET A 381 8.63 18.00 -24.42
N VAL A 382 7.93 17.74 -25.50
CA VAL A 382 7.18 16.51 -25.67
C VAL A 382 7.47 16.03 -27.09
N LYS A 383 7.53 14.71 -27.28
CA LYS A 383 7.80 14.13 -28.60
C LYS A 383 6.68 13.21 -29.08
N PHE A 384 6.34 13.37 -30.35
CA PHE A 384 5.26 12.67 -31.02
C PHE A 384 5.87 11.77 -32.07
N ILE A 385 5.10 10.78 -32.46
CA ILE A 385 5.52 9.85 -33.47
C ILE A 385 4.29 8.98 -33.67
N TRP A 386 4.02 8.61 -34.90
CA TRP A 386 2.85 7.80 -35.16
C TRP A 386 3.28 6.69 -36.08
N TYR A 387 2.47 5.66 -36.12
CA TYR A 387 2.74 4.54 -36.98
C TYR A 387 1.45 4.26 -37.71
N ASN A 388 1.62 3.70 -38.88
CA ASN A 388 0.57 3.36 -39.81
C ASN A 388 0.57 1.84 -39.75
N ASN A 389 -0.58 1.23 -39.49
CA ASN A 389 -0.60 -0.22 -39.46
C ASN A 389 -0.89 -0.76 -40.86
N VAL A 390 -0.75 0.15 -41.81
CA VAL A 390 -0.93 -0.11 -43.24
C VAL A 390 -0.17 1.05 -43.91
N ILE A 391 1.01 0.77 -44.45
CA ILE A 391 1.72 1.87 -45.12
C ILE A 391 0.99 2.18 -46.42
N ASN A 392 0.27 3.29 -46.37
CA ASN A 392 -0.49 3.81 -47.48
C ASN A 392 0.64 4.27 -48.41
N PRO A 393 0.58 3.87 -49.70
CA PRO A 393 1.65 4.29 -50.62
C PRO A 393 1.75 5.82 -50.85
N THR A 394 0.79 6.58 -50.32
CA THR A 394 0.78 8.04 -50.48
C THR A 394 1.73 8.81 -49.57
N LEU A 395 2.52 8.10 -48.77
CA LEU A 395 3.45 8.72 -47.83
C LEU A 395 2.74 9.76 -46.97
N PRO A 396 1.65 9.35 -46.30
CA PRO A 396 0.94 10.32 -45.46
C PRO A 396 1.80 10.82 -44.29
N ARG A 397 1.58 12.08 -43.93
CA ARG A 397 2.30 12.70 -42.85
C ARG A 397 1.29 13.15 -41.82
N VAL A 398 1.56 12.86 -40.55
CA VAL A 398 0.68 13.26 -39.44
C VAL A 398 1.50 14.11 -38.49
N GLY A 399 0.85 15.02 -37.77
CA GLY A 399 1.56 15.84 -36.82
C GLY A 399 0.66 16.12 -35.64
N ALA A 400 1.18 16.85 -34.68
CA ALA A 400 0.41 17.22 -33.51
C ALA A 400 0.53 18.72 -33.51
N SER A 401 -0.55 19.42 -33.72
CA SER A 401 -0.46 20.86 -33.74
C SER A 401 -0.32 21.35 -32.31
N LYS A 402 -0.91 20.58 -31.40
CA LYS A 402 -0.91 20.89 -29.96
C LYS A 402 -0.89 19.61 -29.11
N ILE A 403 -0.20 19.67 -27.98
CA ILE A 403 -0.12 18.57 -27.03
C ILE A 403 -0.14 19.21 -25.64
N ILE A 404 -1.13 18.81 -24.85
CA ILE A 404 -1.28 19.33 -23.48
C ILE A 404 -0.97 18.19 -22.47
N VAL A 405 -0.09 18.46 -21.51
CA VAL A 405 0.24 17.47 -20.48
C VAL A 405 -0.23 18.03 -19.12
N GLU A 406 -1.03 17.25 -18.40
CA GLU A 406 -1.52 17.62 -17.06
C GLU A 406 -0.85 16.69 -16.03
N THR A 407 -0.22 17.27 -15.02
CA THR A 407 0.43 16.48 -13.99
C THR A 407 -0.57 16.08 -12.89
N ASN A 408 -0.12 15.25 -11.97
CA ASN A 408 -0.98 14.78 -10.89
C ASN A 408 -1.46 15.94 -10.02
N VAL A 409 -0.73 17.06 -10.06
CA VAL A 409 -1.09 18.27 -9.30
C VAL A 409 -2.10 19.20 -10.04
N GLY A 410 -2.50 18.83 -11.26
CA GLY A 410 -3.45 19.64 -12.02
C GLY A 410 -2.89 20.72 -12.93
N LYS A 411 -1.56 20.85 -12.98
CA LYS A 411 -0.82 21.83 -13.80
C LYS A 411 -0.71 21.38 -15.27
N GLN A 412 -1.15 22.23 -16.20
CA GLN A 412 -1.11 21.93 -17.64
C GLN A 412 0.03 22.64 -18.36
N PHE A 413 0.74 21.88 -19.19
CA PHE A 413 1.84 22.40 -19.98
C PHE A 413 1.46 22.21 -21.46
N ASN A 414 1.49 23.31 -22.21
CA ASN A 414 1.17 23.29 -23.63
C ASN A 414 2.41 23.18 -24.50
N PHE A 415 2.30 22.40 -25.57
CA PHE A 415 3.37 22.20 -26.54
C PHE A 415 2.76 22.30 -27.94
N CYS A 416 3.43 23.03 -28.82
CA CYS A 416 2.94 23.26 -30.18
C CYS A 416 3.94 22.89 -31.26
N SER A 417 3.43 22.57 -32.44
CA SER A 417 4.27 22.23 -33.57
C SER A 417 3.55 22.58 -34.87
N PRO A 418 4.25 23.25 -35.78
CA PRO A 418 3.69 23.65 -37.09
C PRO A 418 3.96 22.57 -38.16
N GLU A 419 4.84 21.64 -37.82
CA GLU A 419 5.22 20.55 -38.69
C GLU A 419 4.33 19.29 -38.59
N THR A 420 4.51 18.42 -39.58
CA THR A 420 3.82 17.14 -39.67
C THR A 420 4.98 16.21 -40.09
N VAL A 421 4.99 14.98 -39.60
CA VAL A 421 6.05 14.05 -39.93
C VAL A 421 5.45 12.80 -40.52
N ARG A 422 6.23 12.08 -41.30
CA ARG A 422 5.70 10.85 -41.86
C ARG A 422 5.80 9.75 -40.81
N GLU A 423 5.26 8.60 -41.11
CA GLU A 423 5.33 7.49 -40.18
C GLU A 423 6.73 7.26 -39.60
N GLU A 424 6.75 6.88 -38.31
CA GLU A 424 7.98 6.57 -37.59
C GLU A 424 9.07 7.64 -37.50
N VAL A 425 8.65 8.89 -37.47
CA VAL A 425 9.58 10.01 -37.36
C VAL A 425 9.28 10.77 -36.07
N LEU A 426 10.30 11.01 -35.25
CA LEU A 426 10.05 11.73 -34.01
C LEU A 426 9.90 13.22 -34.25
N LEU A 427 8.75 13.73 -33.82
CA LEU A 427 8.44 15.15 -33.92
C LEU A 427 8.61 15.74 -32.51
N THR A 428 9.50 16.72 -32.36
CA THR A 428 9.70 17.36 -31.08
C THR A 428 8.87 18.65 -31.00
N LEU A 429 7.95 18.74 -30.05
CA LEU A 429 7.13 19.94 -29.87
C LEU A 429 7.75 20.90 -28.87
N THR A 430 7.47 22.19 -29.00
CA THR A 430 8.06 23.16 -28.09
C THR A 430 6.97 23.87 -27.32
N PRO A 431 7.33 24.52 -26.18
CA PRO A 431 6.40 25.26 -25.32
C PRO A 431 5.64 26.36 -26.06
N CYS A 432 4.40 26.62 -25.66
CA CYS A 432 3.58 27.68 -26.23
C CYS A 432 2.51 28.08 -25.25
#